data_3IKE
#
_entry.id   3IKE
#
_cell.length_a   117.659
_cell.length_b   68.064
_cell.length_c   60.156
_cell.angle_alpha   90.000
_cell.angle_beta   96.290
_cell.angle_gamma   90.000
#
_symmetry.space_group_name_H-M   'C 1 2 1'
#
loop_
_entity.id
_entity.type
_entity.pdbx_description
1 polymer '2-C-methyl-D-erythritol 2,4-cyclodiphosphate synthase'
2 non-polymer 'ZINC ION'
3 non-polymer 6-AMINOPYRIMIDIN-2(1H)-ONE
4 non-polymer 'CHLORIDE ION'
5 non-polymer 'MAGNESIUM ION'
6 water water
#
_entity_poly.entity_id   1
_entity_poly.type   'polypeptide(L)'
_entity_poly.pdbx_seq_one_letter_code
;GPGSMDFRIGQGYDVHQLVPGRPLIIGGVTIPYERGLLGHSDADVLLHAITDALFGAAALGDIGRHFSDTDPRFKGADSR
ALLRECASRVAQAGFAIRNVDSTIIAQAPKLAPHIDAMRANIAADLDLPLDRVNVKAKTNEKLGYLGRGEGIEAQAAALV
VREAAA
;
_entity_poly.pdbx_strand_id   A,B,C
#
loop_
_chem_comp.id
_chem_comp.type
_chem_comp.name
_chem_comp.formula
CL non-polymer 'CHLORIDE ION' 'Cl -1'
CYT non-polymer 6-AMINOPYRIMIDIN-2(1H)-ONE 'C4 H5 N3 O'
MG non-polymer 'MAGNESIUM ION' 'Mg 2'
ZN non-polymer 'ZINC ION' 'Zn 2'
#
# COMPACT_ATOMS: atom_id res chain seq x y z
N MET A 5 7.90 0.64 -23.52
CA MET A 5 7.93 -0.33 -22.40
C MET A 5 8.55 0.26 -21.13
N ASP A 6 8.52 1.59 -21.03
CA ASP A 6 9.05 2.32 -19.87
C ASP A 6 7.95 2.51 -18.79
N PHE A 7 7.70 1.44 -18.04
CA PHE A 7 6.59 1.38 -17.13
C PHE A 7 7.02 1.91 -15.79
N ARG A 8 6.08 2.51 -15.06
CA ARG A 8 6.32 2.93 -13.67
C ARG A 8 5.10 2.63 -12.84
N ILE A 9 5.31 2.29 -11.56
CA ILE A 9 4.22 2.19 -10.61
C ILE A 9 4.22 3.27 -9.55
N GLY A 10 3.03 3.57 -9.04
CA GLY A 10 2.87 4.43 -7.91
C GLY A 10 1.85 3.90 -6.92
N GLN A 11 1.90 4.42 -5.70
CA GLN A 11 0.99 4.02 -4.65
C GLN A 11 0.59 5.27 -3.85
N GLY A 12 -0.61 5.22 -3.24
CA GLY A 12 -1.16 6.36 -2.56
C GLY A 12 -1.93 5.96 -1.33
N TYR A 13 -1.92 6.87 -0.35
CA TYR A 13 -2.60 6.73 0.93
C TYR A 13 -3.34 8.01 1.25
N ASP A 14 -4.53 7.89 1.82
CA ASP A 14 -5.16 9.06 2.41
C ASP A 14 -6.08 8.67 3.57
N VAL A 15 -6.16 9.53 4.58
CA VAL A 15 -7.19 9.42 5.62
C VAL A 15 -7.83 10.79 5.85
N HIS A 16 -9.12 10.80 6.20
CA HIS A 16 -9.77 12.02 6.71
C HIS A 16 -10.74 11.62 7.80
N GLN A 17 -10.88 12.51 8.78
CA GLN A 17 -11.86 12.36 9.83
C GLN A 17 -13.24 12.49 9.26
N LEU A 18 -14.15 11.74 9.86
CA LEU A 18 -15.55 11.78 9.59
C LEU A 18 -16.30 12.64 10.67
N VAL A 19 -16.89 13.76 10.24
CA VAL A 19 -17.48 14.74 11.18
C VAL A 19 -18.87 15.18 10.81
N PRO A 20 -19.65 15.63 11.82
CA PRO A 20 -20.99 16.16 11.57
C PRO A 20 -20.95 17.42 10.67
N GLY A 21 -22.02 17.69 9.93
CA GLY A 21 -22.12 18.94 9.13
C GLY A 21 -21.36 19.10 7.81
N ARG A 22 -20.68 18.05 7.33
CA ARG A 22 -19.90 18.11 6.08
C ARG A 22 -20.52 17.15 5.09
N PRO A 23 -20.42 17.45 3.79
CA PRO A 23 -20.90 16.51 2.76
C PRO A 23 -19.98 15.30 2.71
N LEU A 24 -20.54 14.14 2.45
CA LEU A 24 -19.74 12.95 2.22
C LEU A 24 -19.52 12.72 0.73
N ILE A 25 -18.29 13.04 0.30
CA ILE A 25 -17.88 12.95 -1.08
C ILE A 25 -16.70 12.01 -1.25
N ILE A 26 -16.96 10.88 -1.90
CA ILE A 26 -15.91 9.90 -2.13
C ILE A 26 -16.00 9.44 -3.57
N GLY A 27 -14.87 9.51 -4.28
CA GLY A 27 -14.77 9.13 -5.67
C GLY A 27 -15.61 10.08 -6.48
N GLY A 28 -15.79 11.31 -5.96
CA GLY A 28 -16.60 12.34 -6.63
C GLY A 28 -18.11 12.17 -6.50
N VAL A 29 -18.53 11.12 -5.78
CA VAL A 29 -19.94 10.85 -5.49
C VAL A 29 -20.35 11.40 -4.10
N THR A 30 -21.41 12.20 -4.09
CA THR A 30 -21.96 12.74 -2.87
C THR A 30 -22.87 11.64 -2.32
N ILE A 31 -22.49 11.10 -1.15
CA ILE A 31 -23.20 9.98 -0.53
C ILE A 31 -24.10 10.52 0.59
N PRO A 32 -25.39 10.12 0.57
CA PRO A 32 -26.32 10.57 1.63
C PRO A 32 -25.87 9.97 2.92
N TYR A 33 -25.54 10.82 3.87
CA TYR A 33 -25.00 10.41 5.16
C TYR A 33 -25.05 11.63 6.03
N GLU A 34 -25.17 11.43 7.35
CA GLU A 34 -25.25 12.52 8.34
C GLU A 34 -23.87 13.07 8.75
N ARG A 35 -22.81 12.44 8.30
CA ARG A 35 -21.47 12.94 8.52
C ARG A 35 -20.78 13.04 7.14
N GLY A 36 -19.70 13.81 7.08
CA GLY A 36 -18.83 13.82 5.91
C GLY A 36 -17.38 13.96 6.29
N LEU A 37 -16.52 14.02 5.26
CA LEU A 37 -15.09 14.02 5.52
C LEU A 37 -14.60 15.43 5.76
N LEU A 38 -13.65 15.58 6.69
CA LEU A 38 -13.13 16.90 6.99
C LEU A 38 -11.80 17.15 6.34
N GLY A 39 -11.72 18.22 5.55
CA GLY A 39 -10.46 18.74 5.00
C GLY A 39 -10.59 20.17 4.49
N HIS A 40 -9.49 20.68 3.94
CA HIS A 40 -9.47 21.97 3.23
C HIS A 40 -10.30 21.94 1.90
N SER A 41 -10.11 20.88 1.08
CA SER A 41 -10.89 20.69 -0.15
C SER A 41 -12.25 20.06 0.19
N ASP A 42 -12.92 19.47 -0.80
CA ASP A 42 -14.08 18.61 -0.51
C ASP A 42 -13.66 17.33 0.28
N ALA A 43 -12.37 17.22 0.62
CA ALA A 43 -11.85 16.09 1.41
C ALA A 43 -12.14 14.67 0.84
N ASP A 44 -12.17 14.57 -0.49
CA ASP A 44 -12.41 13.31 -1.18
C ASP A 44 -11.21 12.38 -1.02
N VAL A 45 -11.29 11.51 -0.01
CA VAL A 45 -10.16 10.66 0.41
C VAL A 45 -9.68 9.73 -0.69
N LEU A 46 -10.62 9.26 -1.51
CA LEU A 46 -10.28 8.31 -2.55
C LEU A 46 -9.54 8.96 -3.69
N LEU A 47 -10.04 10.10 -4.18
CA LEU A 47 -9.39 10.79 -5.30
C LEU A 47 -8.02 11.29 -4.88
N HIS A 48 -7.89 11.71 -3.62
CA HIS A 48 -6.58 12.16 -3.14
C HIS A 48 -5.54 11.05 -3.17
N ALA A 49 -5.95 9.87 -2.71
CA ALA A 49 -5.07 8.71 -2.71
C ALA A 49 -4.67 8.35 -4.16
N ILE A 50 -5.65 8.36 -5.06
CA ILE A 50 -5.37 8.10 -6.48
C ILE A 50 -4.45 9.19 -7.09
N THR A 51 -4.69 10.46 -6.72
CA THR A 51 -3.87 11.56 -7.20
C THR A 51 -2.41 11.37 -6.74
N ASP A 52 -2.24 10.96 -5.49
CA ASP A 52 -0.91 10.62 -4.97
C ASP A 52 -0.24 9.53 -5.71
N ALA A 53 -0.98 8.49 -6.07
CA ALA A 53 -0.40 7.37 -6.74
C ALA A 53 0.03 7.82 -8.13
N LEU A 54 -0.71 8.74 -8.74
CA LEU A 54 -0.36 9.13 -10.11
C LEU A 54 0.89 9.99 -10.11
N PHE A 55 0.93 10.95 -9.19
CA PHE A 55 2.08 11.83 -9.01
C PHE A 55 3.31 10.97 -8.71
N GLY A 56 3.14 10.00 -7.81
CA GLY A 56 4.23 9.09 -7.44
C GLY A 56 4.77 8.26 -8.60
N ALA A 57 3.87 7.68 -9.39
CA ALA A 57 4.29 6.91 -10.61
C ALA A 57 5.11 7.74 -11.59
N ALA A 58 4.80 9.03 -11.72
CA ALA A 58 5.46 9.93 -12.69
C ALA A 58 6.70 10.59 -12.04
N ALA A 59 6.89 10.29 -10.75
CA ALA A 59 7.90 10.89 -9.89
C ALA A 59 7.79 12.41 -9.91
N LEU A 60 6.62 12.92 -9.53
CA LEU A 60 6.33 14.35 -9.56
C LEU A 60 6.01 14.86 -8.15
N GLY A 61 6.36 14.06 -7.15
CA GLY A 61 6.13 14.40 -5.77
C GLY A 61 4.79 13.89 -5.32
N ASP A 62 3.96 14.77 -4.78
CA ASP A 62 2.72 14.35 -4.19
C ASP A 62 1.69 15.50 -4.18
N ILE A 63 0.52 15.21 -3.65
CA ILE A 63 -0.60 16.11 -3.78
C ILE A 63 -0.40 17.37 -2.95
N GLY A 64 0.27 17.24 -1.80
CA GLY A 64 0.68 18.42 -1.02
C GLY A 64 1.58 19.38 -1.82
N ARG A 65 2.45 18.82 -2.66
CA ARG A 65 3.34 19.67 -3.45
C ARG A 65 2.55 20.50 -4.50
N HIS A 66 1.55 19.89 -5.11
CA HIS A 66 0.92 20.47 -6.28
C HIS A 66 -0.24 21.36 -5.91
N PHE A 67 -0.91 21.01 -4.81
CA PHE A 67 -2.15 21.62 -4.40
C PHE A 67 -2.12 21.78 -2.88
N SER A 68 -1.29 22.72 -2.42
CA SER A 68 -1.02 22.91 -0.99
C SER A 68 -2.24 22.95 -0.04
N ASP A 69 -2.08 22.27 1.09
CA ASP A 69 -3.06 22.23 2.18
C ASP A 69 -3.45 23.63 2.68
N THR A 70 -2.62 24.61 2.34
CA THR A 70 -2.74 25.95 2.89
C THR A 70 -3.15 27.07 1.89
N ASP A 71 -3.02 26.80 0.59
CA ASP A 71 -3.45 27.74 -0.47
C ASP A 71 -4.99 27.87 -0.42
N PRO A 72 -5.50 29.07 -0.07
CA PRO A 72 -6.95 29.32 0.08
C PRO A 72 -7.77 29.11 -1.20
N ARG A 73 -7.09 28.95 -2.34
CA ARG A 73 -7.79 28.67 -3.61
C ARG A 73 -8.32 27.23 -3.65
N PHE A 74 -7.77 26.38 -2.79
CA PHE A 74 -8.19 24.98 -2.69
C PHE A 74 -9.20 24.72 -1.55
N LYS A 75 -9.71 25.81 -0.96
CA LYS A 75 -10.76 25.74 0.06
C LYS A 75 -12.03 25.31 -0.64
N GLY A 76 -12.64 24.24 -0.15
CA GLY A 76 -13.79 23.62 -0.81
C GLY A 76 -13.51 23.09 -2.22
N ALA A 77 -12.24 23.02 -2.63
CA ALA A 77 -11.87 22.56 -3.98
C ALA A 77 -12.52 21.24 -4.41
N ASP A 78 -13.05 21.22 -5.62
CA ASP A 78 -13.51 19.97 -6.27
C ASP A 78 -12.31 19.08 -6.51
N SER A 79 -12.24 17.93 -5.82
CA SER A 79 -11.13 16.99 -5.99
C SER A 79 -11.09 16.26 -7.36
N ARG A 80 -12.21 16.26 -8.08
CA ARG A 80 -12.19 15.78 -9.47
C ARG A 80 -11.38 16.70 -10.35
N ALA A 81 -11.51 18.01 -10.13
CA ALA A 81 -10.72 18.97 -10.88
C ALA A 81 -9.23 18.87 -10.54
N LEU A 82 -8.94 18.59 -9.27
CA LEU A 82 -7.56 18.35 -8.87
C LEU A 82 -6.99 17.07 -9.55
N LEU A 83 -7.78 15.99 -9.57
CA LEU A 83 -7.40 14.74 -10.24
C LEU A 83 -7.17 14.97 -11.73
N ARG A 84 -8.07 15.71 -12.38
CA ARG A 84 -7.88 16.07 -13.79
C ARG A 84 -6.61 16.86 -14.06
N GLU A 85 -6.25 17.77 -13.17
CA GLU A 85 -5.03 18.58 -13.36
C GLU A 85 -3.79 17.68 -13.14
N CYS A 86 -3.84 16.86 -12.11
CA CYS A 86 -2.86 15.80 -11.89
C CYS A 86 -2.63 14.95 -13.15
N ALA A 87 -3.69 14.39 -13.72
CA ALA A 87 -3.59 13.61 -14.95
C ALA A 87 -2.92 14.44 -16.05
N SER A 88 -3.32 15.69 -16.12
CA SER A 88 -2.75 16.62 -17.07
C SER A 88 -1.23 16.83 -16.86
N ARG A 89 -0.79 17.00 -15.61
CA ARG A 89 0.65 17.14 -15.38
C ARG A 89 1.42 15.83 -15.62
N VAL A 90 0.82 14.68 -15.32
CA VAL A 90 1.40 13.38 -15.63
C VAL A 90 1.62 13.19 -17.15
N ALA A 91 0.63 13.60 -17.96
CA ALA A 91 0.77 13.45 -19.41
C ALA A 91 1.82 14.43 -19.93
N GLN A 92 1.87 15.61 -19.31
CA GLN A 92 2.80 16.63 -19.71
C GLN A 92 4.24 16.20 -19.35
N ALA A 93 4.36 15.40 -18.29
CA ALA A 93 5.63 14.69 -18.01
C ALA A 93 5.94 13.59 -19.01
N GLY A 94 4.96 13.23 -19.85
CA GLY A 94 5.14 12.19 -20.91
C GLY A 94 4.61 10.78 -20.63
N PHE A 95 3.83 10.63 -19.57
CA PHE A 95 3.26 9.32 -19.20
C PHE A 95 1.83 9.13 -19.69
N ALA A 96 1.48 7.91 -20.09
CA ALA A 96 0.09 7.57 -20.25
C ALA A 96 -0.29 6.64 -19.08
N ILE A 97 -1.52 6.74 -18.63
CA ILE A 97 -1.96 5.93 -17.50
C ILE A 97 -2.50 4.62 -18.07
N ARG A 98 -2.10 3.50 -17.48
CA ARG A 98 -2.57 2.17 -17.90
C ARG A 98 -3.68 1.62 -17.01
N ASN A 99 -3.51 1.68 -15.69
CA ASN A 99 -4.61 1.28 -14.85
C ASN A 99 -4.53 1.88 -13.47
N VAL A 100 -5.67 1.88 -12.78
CA VAL A 100 -5.75 2.31 -11.38
C VAL A 100 -6.54 1.27 -10.58
N ASP A 101 -6.02 0.90 -9.42
CA ASP A 101 -6.78 0.10 -8.49
C ASP A 101 -6.77 0.83 -7.15
N SER A 102 -7.75 0.54 -6.29
CA SER A 102 -7.88 1.31 -5.05
C SER A 102 -8.78 0.60 -4.08
N THR A 103 -8.74 1.05 -2.83
CA THR A 103 -9.51 0.45 -1.75
C THR A 103 -10.00 1.61 -0.85
N ILE A 104 -11.24 1.51 -0.40
CA ILE A 104 -11.78 2.39 0.62
C ILE A 104 -12.04 1.53 1.86
N ILE A 105 -11.64 2.03 3.01
CA ILE A 105 -11.98 1.37 4.26
C ILE A 105 -12.88 2.27 5.10
N ALA A 106 -14.07 1.78 5.39
CA ALA A 106 -15.08 2.53 6.12
C ALA A 106 -15.99 1.58 6.87
N GLN A 107 -16.24 1.89 8.13
CA GLN A 107 -17.19 1.16 8.95
C GLN A 107 -18.58 1.38 8.33
N ALA A 108 -18.83 2.61 7.88
CA ALA A 108 -20.12 3.04 7.33
C ALA A 108 -19.90 4.33 6.53
N PRO A 109 -20.83 4.70 5.63
CA PRO A 109 -22.04 3.96 5.22
C PRO A 109 -21.70 2.79 4.30
N LYS A 110 -22.73 2.08 3.84
CA LYS A 110 -22.57 1.05 2.79
C LYS A 110 -22.08 1.78 1.56
N LEU A 111 -20.95 1.31 1.00
CA LEU A 111 -20.36 1.94 -0.18
C LEU A 111 -20.68 1.21 -1.48
N ALA A 112 -21.01 -0.09 -1.39
CA ALA A 112 -21.34 -0.88 -2.59
C ALA A 112 -22.29 -0.19 -3.57
N PRO A 113 -23.40 0.43 -3.09
CA PRO A 113 -24.31 1.05 -4.11
C PRO A 113 -23.74 2.27 -4.90
N HIS A 114 -22.59 2.79 -4.48
CA HIS A 114 -21.98 3.97 -5.12
C HIS A 114 -20.70 3.68 -5.85
N ILE A 115 -20.22 2.45 -5.78
CA ILE A 115 -18.90 2.09 -6.28
C ILE A 115 -18.79 2.23 -7.79
N ASP A 116 -19.79 1.75 -8.51
CA ASP A 116 -19.80 1.94 -10.00
C ASP A 116 -19.72 3.40 -10.39
N ALA A 117 -20.47 4.25 -9.71
CA ALA A 117 -20.48 5.67 -9.97
C ALA A 117 -19.07 6.29 -9.73
N MET A 118 -18.38 5.81 -8.70
CA MET A 118 -17.04 6.31 -8.39
C MET A 118 -16.07 5.91 -9.49
N ARG A 119 -16.13 4.64 -9.88
CA ARG A 119 -15.32 4.14 -10.97
C ARG A 119 -15.53 4.98 -12.26
N ALA A 120 -16.80 5.28 -12.56
CA ALA A 120 -17.14 6.10 -13.71
C ALA A 120 -16.52 7.50 -13.67
N ASN A 121 -16.60 8.14 -12.50
CA ASN A 121 -16.01 9.47 -12.28
C ASN A 121 -14.52 9.45 -12.53
N ILE A 122 -13.84 8.46 -11.95
CA ILE A 122 -12.39 8.32 -12.07
C ILE A 122 -11.98 8.01 -13.50
N ALA A 123 -12.74 7.15 -14.17
CA ALA A 123 -12.41 6.77 -15.55
C ALA A 123 -12.55 7.97 -16.45
N ALA A 124 -13.62 8.76 -16.28
CA ALA A 124 -13.76 10.02 -17.04
C ALA A 124 -12.61 11.04 -16.81
N ASP A 125 -12.32 11.34 -15.55
CA ASP A 125 -11.24 12.30 -15.17
C ASP A 125 -9.85 11.91 -15.71
N LEU A 126 -9.60 10.61 -15.80
CA LEU A 126 -8.30 10.11 -16.29
C LEU A 126 -8.35 9.75 -17.78
N ASP A 127 -9.53 9.90 -18.39
CA ASP A 127 -9.77 9.52 -19.79
C ASP A 127 -9.40 8.07 -20.03
N LEU A 128 -9.86 7.18 -19.13
CA LEU A 128 -9.70 5.74 -19.32
C LEU A 128 -11.04 5.09 -19.62
N PRO A 129 -11.01 3.90 -20.24
CA PRO A 129 -12.20 3.05 -20.23
C PRO A 129 -12.48 2.55 -18.79
N LEU A 130 -13.74 2.22 -18.49
CA LEU A 130 -14.10 1.60 -17.20
C LEU A 130 -13.28 0.38 -16.79
N ASP A 131 -12.89 -0.42 -17.78
CA ASP A 131 -12.19 -1.67 -17.54
C ASP A 131 -10.72 -1.48 -17.12
N ARG A 132 -10.23 -0.23 -17.03
CA ARG A 132 -8.88 0.00 -16.45
C ARG A 132 -8.92 0.76 -15.11
N VAL A 133 -10.10 0.83 -14.51
CA VAL A 133 -10.26 1.47 -13.21
C VAL A 133 -10.95 0.51 -12.28
N ASN A 134 -10.37 0.31 -11.09
CA ASN A 134 -11.02 -0.54 -10.09
C ASN A 134 -11.11 0.14 -8.73
N VAL A 135 -12.25 -0.02 -8.05
CA VAL A 135 -12.48 0.49 -6.70
C VAL A 135 -13.01 -0.63 -5.79
N LYS A 136 -12.35 -0.81 -4.64
CA LYS A 136 -12.75 -1.86 -3.70
C LYS A 136 -13.13 -1.21 -2.34
N ALA A 137 -13.97 -1.90 -1.59
CA ALA A 137 -14.48 -1.32 -0.36
C ALA A 137 -14.39 -2.34 0.75
N LYS A 138 -13.80 -1.95 1.89
CA LYS A 138 -13.59 -2.83 3.02
C LYS A 138 -14.14 -2.17 4.28
N THR A 139 -14.57 -2.98 5.25
CA THR A 139 -14.69 -2.47 6.61
C THR A 139 -13.31 -2.73 7.22
N ASN A 140 -13.05 -2.19 8.40
CA ASN A 140 -11.81 -2.57 9.12
C ASN A 140 -12.05 -3.72 10.14
N GLU A 141 -13.05 -4.55 9.87
CA GLU A 141 -13.48 -5.58 10.85
C GLU A 141 -13.62 -5.02 12.31
N LYS A 142 -14.13 -3.80 12.43
CA LYS A 142 -14.36 -3.15 13.72
C LYS A 142 -13.09 -2.76 14.47
N LEU A 143 -11.92 -2.84 13.84
CA LEU A 143 -10.70 -2.43 14.55
C LEU A 143 -10.31 -0.93 14.39
N GLY A 144 -9.90 -0.34 15.52
CA GLY A 144 -9.19 0.94 15.55
C GLY A 144 -10.12 2.09 15.25
N TYR A 145 -9.54 3.26 15.02
CA TYR A 145 -10.33 4.46 14.71
C TYR A 145 -11.20 4.26 13.47
N LEU A 146 -10.75 3.43 12.54
CA LEU A 146 -11.57 3.12 11.37
C LEU A 146 -12.79 2.34 11.78
N GLY A 147 -12.61 1.38 12.68
CA GLY A 147 -13.71 0.57 13.21
C GLY A 147 -14.71 1.39 14.00
N ARG A 148 -14.21 2.41 14.68
CA ARG A 148 -15.02 3.27 15.51
C ARG A 148 -15.70 4.35 14.69
N GLY A 149 -15.46 4.33 13.37
CA GLY A 149 -16.12 5.28 12.49
C GLY A 149 -15.60 6.69 12.68
N GLU A 150 -14.32 6.79 13.09
CA GLU A 150 -13.71 8.09 13.33
C GLU A 150 -13.18 8.74 12.06
N GLY A 151 -12.84 7.91 11.08
CA GLY A 151 -12.35 8.41 9.79
C GLY A 151 -12.63 7.39 8.69
N ILE A 152 -12.22 7.75 7.47
CA ILE A 152 -12.26 6.86 6.34
C ILE A 152 -10.92 6.93 5.64
N GLU A 153 -10.39 5.76 5.25
CA GLU A 153 -9.05 5.70 4.64
C GLU A 153 -9.16 5.29 3.19
N ALA A 154 -8.20 5.68 2.35
CA ALA A 154 -8.17 5.08 1.03
C ALA A 154 -6.74 4.73 0.59
N GLN A 155 -6.64 3.71 -0.24
CA GLN A 155 -5.37 3.26 -0.80
C GLN A 155 -5.52 3.16 -2.29
N ALA A 156 -4.45 3.43 -3.02
CA ALA A 156 -4.49 3.37 -4.48
C ALA A 156 -3.16 2.91 -5.04
N ALA A 157 -3.18 2.24 -6.18
CA ALA A 157 -1.99 1.95 -6.96
C ALA A 157 -2.28 2.32 -8.41
N ALA A 158 -1.27 2.82 -9.11
CA ALA A 158 -1.44 3.19 -10.50
C ALA A 158 -0.26 2.71 -11.29
N LEU A 159 -0.54 2.22 -12.50
CA LEU A 159 0.51 1.90 -13.43
C LEU A 159 0.45 2.85 -14.62
N VAL A 160 1.60 3.46 -14.95
CA VAL A 160 1.71 4.38 -16.09
C VAL A 160 2.84 3.88 -17.02
N VAL A 161 3.03 4.54 -18.16
CA VAL A 161 4.12 4.18 -19.09
C VAL A 161 4.60 5.43 -19.82
N ARG A 162 5.91 5.65 -19.87
CA ARG A 162 6.47 6.77 -20.66
C ARG A 162 6.49 6.42 -22.14
N MET B 5 8.27 -8.26 -22.07
CA MET B 5 9.34 -8.42 -21.04
C MET B 5 8.80 -8.88 -19.68
N ASP B 6 9.71 -9.10 -18.73
CA ASP B 6 9.41 -9.83 -17.51
C ASP B 6 9.40 -8.97 -16.27
N PHE B 7 8.34 -8.17 -16.16
CA PHE B 7 8.16 -7.25 -15.05
C PHE B 7 7.59 -7.91 -13.76
N ARG B 8 7.97 -7.36 -12.59
CA ARG B 8 7.48 -7.79 -11.27
C ARG B 8 7.26 -6.57 -10.38
N ILE B 9 6.21 -6.60 -9.53
CA ILE B 9 6.05 -5.58 -8.49
C ILE B 9 6.29 -6.12 -7.09
N GLY B 10 6.60 -5.19 -6.20
CA GLY B 10 6.79 -5.50 -4.78
C GLY B 10 6.29 -4.31 -3.99
N GLN B 11 5.93 -4.56 -2.75
CA GLN B 11 5.38 -3.55 -1.88
C GLN B 11 6.02 -3.70 -0.52
N GLY B 12 6.17 -2.61 0.21
CA GLY B 12 6.81 -2.64 1.52
C GLY B 12 6.05 -1.80 2.54
N TYR B 13 6.17 -2.18 3.80
CA TYR B 13 5.55 -1.47 4.90
C TYR B 13 6.53 -1.39 6.04
N ASP B 14 6.44 -0.34 6.84
CA ASP B 14 7.24 -0.31 8.03
C ASP B 14 6.73 0.73 8.99
N VAL B 15 6.99 0.56 10.27
CA VAL B 15 6.56 1.51 11.30
C VAL B 15 7.57 1.40 12.45
N HIS B 16 7.84 2.50 13.15
CA HIS B 16 8.74 2.51 14.32
C HIS B 16 8.18 3.51 15.30
N GLN B 17 8.29 3.20 16.58
CA GLN B 17 7.81 4.12 17.63
C GLN B 17 8.60 5.43 17.66
N LEU B 18 7.90 6.49 17.99
CA LEU B 18 8.47 7.83 18.01
C LEU B 18 8.40 8.39 19.47
N VAL B 19 9.54 8.36 20.15
CA VAL B 19 9.63 8.88 21.51
C VAL B 19 10.89 9.76 21.76
N PRO B 20 10.81 10.64 22.79
CA PRO B 20 11.99 11.40 23.21
C PRO B 20 13.18 10.50 23.46
N GLY B 21 14.37 10.96 23.10
CA GLY B 21 15.61 10.30 23.48
C GLY B 21 16.43 9.76 22.34
N ARG B 22 16.00 10.03 21.11
CA ARG B 22 16.65 9.46 19.93
C ARG B 22 16.65 10.44 18.72
N PRO B 23 17.62 10.27 17.80
CA PRO B 23 17.60 11.11 16.60
C PRO B 23 16.57 10.58 15.59
N LEU B 24 15.91 11.50 14.89
CA LEU B 24 14.98 11.17 13.80
C LEU B 24 15.68 11.08 12.44
N ILE B 25 15.81 9.87 11.91
CA ILE B 25 16.46 9.67 10.60
C ILE B 25 15.49 9.02 9.62
N ILE B 26 15.20 9.72 8.53
CA ILE B 26 14.22 9.24 7.54
C ILE B 26 14.80 9.34 6.14
N GLY B 27 14.84 8.22 5.45
CA GLY B 27 15.43 8.14 4.11
C GLY B 27 16.84 8.68 4.11
N GLY B 28 17.58 8.34 5.17
CA GLY B 28 18.98 8.75 5.33
C GLY B 28 19.23 10.19 5.76
N VAL B 29 18.19 10.88 6.24
CA VAL B 29 18.29 12.29 6.59
C VAL B 29 17.91 12.51 8.05
N THR B 30 18.78 13.21 8.79
CA THR B 30 18.53 13.44 10.20
C THR B 30 17.71 14.70 10.32
N ILE B 31 16.65 14.66 11.12
CA ILE B 31 15.72 15.77 11.17
C ILE B 31 15.54 16.31 12.60
N PRO B 32 15.81 17.62 12.78
CA PRO B 32 15.65 18.29 14.09
C PRO B 32 14.28 18.00 14.65
N TYR B 33 14.22 17.39 15.82
CA TYR B 33 12.93 17.11 16.43
C TYR B 33 13.05 16.72 17.92
N GLU B 34 12.00 17.02 18.70
CA GLU B 34 11.94 16.64 20.11
C GLU B 34 11.67 15.12 20.35
N ARG B 35 11.73 14.31 19.27
CA ARG B 35 11.59 12.84 19.31
C ARG B 35 12.45 12.13 18.24
N GLY B 36 12.49 10.79 18.29
CA GLY B 36 13.23 9.97 17.33
C GLY B 36 12.68 8.53 17.23
N LEU B 37 13.17 7.77 16.25
CA LEU B 37 12.61 6.44 15.96
C LEU B 37 13.40 5.25 16.54
N LEU B 38 12.72 4.44 17.37
CA LEU B 38 13.32 3.28 18.08
C LEU B 38 13.66 2.12 17.17
N ASP B 42 19.48 2.50 13.45
CA ASP B 42 18.99 3.85 13.12
C ASP B 42 17.44 3.96 13.01
N ALA B 43 16.78 2.84 12.69
CA ALA B 43 15.31 2.79 12.60
C ALA B 43 14.69 3.64 11.44
N ASP B 44 15.32 3.58 10.28
CA ASP B 44 14.90 4.33 9.13
C ASP B 44 13.70 3.67 8.40
N VAL B 45 12.49 4.00 8.88
CA VAL B 45 11.23 3.45 8.31
C VAL B 45 11.20 3.46 6.79
N LEU B 46 11.59 4.59 6.20
CA LEU B 46 11.47 4.78 4.78
C LEU B 46 12.36 3.84 4.04
N LEU B 47 13.60 3.69 4.51
CA LEU B 47 14.53 2.84 3.77
C LEU B 47 14.18 1.34 3.91
N HIS B 48 13.69 0.96 5.09
CA HIS B 48 13.25 -0.45 5.30
C HIS B 48 12.07 -0.86 4.40
N ALA B 49 11.04 -0.01 4.40
CA ALA B 49 9.88 -0.26 3.55
C ALA B 49 10.35 -0.43 2.09
N ILE B 50 11.28 0.41 1.64
CA ILE B 50 11.74 0.35 0.25
C ILE B 50 12.57 -0.94 -0.02
N THR B 51 13.44 -1.28 0.93
CA THR B 51 14.23 -2.52 0.87
C THR B 51 13.28 -3.69 0.74
N ASP B 52 12.29 -3.73 1.62
CA ASP B 52 11.24 -4.76 1.62
C ASP B 52 10.51 -4.90 0.29
N ALA B 53 10.10 -3.76 -0.26
CA ALA B 53 9.53 -3.68 -1.58
C ALA B 53 10.46 -4.27 -2.63
N LEU B 54 11.75 -3.98 -2.53
CA LEU B 54 12.70 -4.50 -3.52
C LEU B 54 12.90 -6.03 -3.42
N PHE B 55 13.01 -6.54 -2.19
CA PHE B 55 13.05 -7.98 -2.01
C PHE B 55 11.76 -8.63 -2.50
N GLY B 56 10.61 -7.98 -2.26
CA GLY B 56 9.31 -8.52 -2.65
C GLY B 56 9.18 -8.73 -4.15
N ALA B 57 9.63 -7.69 -4.88
CA ALA B 57 9.61 -7.67 -6.33
C ALA B 57 10.50 -8.78 -6.87
N ALA B 58 11.65 -8.94 -6.22
CA ALA B 58 12.62 -9.96 -6.59
C ALA B 58 12.17 -11.37 -6.11
N ALA B 59 11.17 -11.39 -5.20
CA ALA B 59 10.75 -12.62 -4.51
C ALA B 59 11.91 -13.29 -3.75
N LEU B 60 12.67 -12.48 -3.02
CA LEU B 60 13.78 -12.94 -2.20
C LEU B 60 13.45 -12.97 -0.71
N GLY B 61 12.17 -12.91 -0.36
CA GLY B 61 11.77 -12.91 1.05
C GLY B 61 11.55 -11.49 1.54
N ASP B 62 12.24 -11.14 2.63
CA ASP B 62 12.13 -9.82 3.24
C ASP B 62 13.45 -9.40 3.90
N ILE B 63 13.45 -8.19 4.44
CA ILE B 63 14.60 -7.64 5.14
C ILE B 63 15.00 -8.49 6.35
N GLY B 64 14.02 -9.12 7.01
CA GLY B 64 14.27 -9.97 8.18
C GLY B 64 15.08 -11.22 7.88
N ARG B 65 14.81 -11.83 6.72
CA ARG B 65 15.58 -13.00 6.28
C ARG B 65 16.99 -12.67 5.84
N HIS B 66 17.14 -11.56 5.12
CA HIS B 66 18.46 -11.12 4.64
C HIS B 66 19.41 -10.54 5.67
N PHE B 67 18.90 -9.67 6.55
CA PHE B 67 19.72 -8.97 7.55
C PHE B 67 19.12 -9.16 8.96
N SER B 68 19.52 -10.26 9.62
CA SER B 68 18.94 -10.65 10.90
C SER B 68 19.29 -9.65 12.02
N ASP B 69 18.37 -9.46 12.97
CA ASP B 69 18.71 -8.72 14.20
C ASP B 69 19.83 -9.46 15.00
N THR B 70 20.52 -10.39 14.32
CA THR B 70 21.57 -11.23 14.91
C THR B 70 22.90 -11.08 14.15
N ASP B 71 22.99 -11.69 12.97
CA ASP B 71 24.22 -11.76 12.12
C ASP B 71 25.33 -10.73 12.41
N PRO B 72 26.58 -11.23 12.64
CA PRO B 72 27.76 -10.40 12.87
C PRO B 72 28.12 -9.46 11.71
N ARG B 73 27.57 -9.76 10.52
CA ARG B 73 27.81 -8.94 9.33
C ARG B 73 27.15 -7.55 9.37
N PHE B 74 26.18 -7.35 10.28
CA PHE B 74 25.43 -6.08 10.41
C PHE B 74 25.06 -5.78 11.87
N ALA B 77 25.86 -1.85 11.07
CA ALA B 77 25.61 -1.15 9.80
C ALA B 77 24.29 -0.38 9.80
N ASP B 78 24.17 0.60 8.89
CA ASP B 78 22.94 1.39 8.82
C ASP B 78 22.07 1.14 7.58
N SER B 79 20.89 1.73 7.60
CA SER B 79 19.84 1.39 6.64
C SER B 79 20.19 1.66 5.17
N ARG B 80 21.03 2.65 4.91
CA ARG B 80 21.53 2.88 3.55
C ARG B 80 22.47 1.79 3.07
N ALA B 81 23.31 1.29 3.99
CA ALA B 81 24.18 0.15 3.66
C ALA B 81 23.34 -1.09 3.30
N LEU B 82 22.29 -1.35 4.08
CA LEU B 82 21.42 -2.51 3.83
C LEU B 82 20.67 -2.37 2.53
N LEU B 83 20.24 -1.14 2.23
CA LEU B 83 19.60 -0.81 0.97
C LEU B 83 20.52 -1.10 -0.21
N ARG B 84 21.78 -0.65 -0.12
CA ARG B 84 22.78 -0.98 -1.16
C ARG B 84 22.98 -2.49 -1.34
N GLU B 85 23.08 -3.21 -0.22
CA GLU B 85 23.28 -4.67 -0.27
C GLU B 85 22.05 -5.37 -0.88
N CYS B 86 20.88 -4.90 -0.44
CA CYS B 86 19.60 -5.30 -1.02
C CYS B 86 19.60 -5.13 -2.55
N ALA B 87 19.93 -3.91 -2.99
CA ALA B 87 20.02 -3.59 -4.42
C ALA B 87 20.97 -4.51 -5.16
N SER B 88 22.12 -4.79 -4.54
CA SER B 88 23.12 -5.67 -5.16
C SER B 88 22.59 -7.12 -5.28
N ARG B 89 21.88 -7.58 -4.25
CA ARG B 89 21.26 -8.91 -4.29
C ARG B 89 20.12 -9.00 -5.30
N VAL B 90 19.38 -7.90 -5.45
CA VAL B 90 18.33 -7.82 -6.48
C VAL B 90 18.96 -7.93 -7.88
N ALA B 91 20.05 -7.21 -8.09
CA ALA B 91 20.76 -7.28 -9.37
C ALA B 91 21.20 -8.72 -9.72
N GLN B 92 21.68 -9.46 -8.72
CA GLN B 92 22.21 -10.81 -8.94
C GLN B 92 21.16 -11.85 -9.32
N ALA B 93 19.94 -11.66 -8.83
CA ALA B 93 18.85 -12.54 -9.22
C ALA B 93 18.41 -12.28 -10.65
N GLY B 94 18.92 -11.21 -11.26
CA GLY B 94 18.60 -10.89 -12.65
C GLY B 94 17.66 -9.72 -12.88
N PHE B 95 17.42 -8.94 -11.82
CA PHE B 95 16.46 -7.83 -11.92
C PHE B 95 17.09 -6.44 -11.94
N ALA B 96 16.69 -5.63 -12.92
CA ALA B 96 17.02 -4.21 -12.97
C ALA B 96 15.87 -3.43 -12.36
N ILE B 97 16.17 -2.46 -11.48
CA ILE B 97 15.13 -1.64 -10.87
C ILE B 97 14.65 -0.52 -11.79
N ARG B 98 13.32 -0.49 -12.00
CA ARG B 98 12.69 0.46 -12.92
C ARG B 98 12.22 1.75 -12.24
N ASN B 99 11.64 1.64 -11.05
CA ASN B 99 11.29 2.82 -10.23
C ASN B 99 10.84 2.46 -8.83
N VAL B 100 10.81 3.46 -7.97
CA VAL B 100 10.37 3.30 -6.59
C VAL B 100 9.52 4.50 -6.30
N ASP B 101 8.47 4.30 -5.50
CA ASP B 101 7.62 5.34 -5.00
C ASP B 101 7.33 4.95 -3.59
N SER B 102 6.99 5.95 -2.76
CA SER B 102 6.81 5.70 -1.35
C SER B 102 5.99 6.79 -0.69
N THR B 103 5.53 6.54 0.55
CA THR B 103 4.83 7.54 1.37
C THR B 103 5.29 7.39 2.82
N ILE B 104 5.61 8.52 3.45
CA ILE B 104 5.87 8.57 4.89
C ILE B 104 4.64 9.17 5.53
N ILE B 105 4.10 8.52 6.54
CA ILE B 105 2.99 9.11 7.28
C ILE B 105 3.53 9.55 8.63
N ALA B 106 3.58 10.86 8.85
CA ALA B 106 4.07 11.42 10.09
C ALA B 106 3.24 12.65 10.37
N GLN B 107 2.73 12.75 11.60
CA GLN B 107 1.95 13.91 11.99
C GLN B 107 2.88 15.12 12.09
N ALA B 108 4.11 14.87 12.53
CA ALA B 108 5.09 15.92 12.75
C ALA B 108 6.41 15.22 12.74
N PRO B 109 7.51 15.95 12.45
CA PRO B 109 7.62 17.34 12.01
C PRO B 109 7.29 17.44 10.51
N LYS B 110 7.30 18.66 9.96
CA LYS B 110 7.11 18.90 8.51
C LYS B 110 8.23 18.24 7.71
N LEU B 111 7.86 17.39 6.75
CA LEU B 111 8.84 16.64 5.95
C LEU B 111 9.19 17.27 4.58
N ALA B 112 8.33 18.16 4.10
CA ALA B 112 8.51 18.73 2.76
C ALA B 112 9.95 19.19 2.47
N PRO B 113 10.59 19.93 3.41
CA PRO B 113 11.96 20.42 3.10
C PRO B 113 12.96 19.31 2.93
N HIS B 114 12.68 18.12 3.46
CA HIS B 114 13.73 17.08 3.44
C HIS B 114 13.65 16.09 2.30
N ILE B 115 12.71 16.33 1.39
CA ILE B 115 12.28 15.30 0.42
C ILE B 115 13.29 15.06 -0.68
N ASP B 116 13.82 16.12 -1.29
CA ASP B 116 14.84 15.96 -2.34
C ASP B 116 16.12 15.28 -1.79
N ALA B 117 16.46 15.58 -0.55
CA ALA B 117 17.63 14.95 0.11
C ALA B 117 17.39 13.43 0.18
N MET B 118 16.28 13.00 0.80
CA MET B 118 15.89 11.56 0.82
C MET B 118 15.89 10.94 -0.55
N ARG B 119 15.34 11.62 -1.56
CA ARG B 119 15.30 11.05 -2.93
C ARG B 119 16.70 10.89 -3.50
N ALA B 120 17.55 11.88 -3.21
CA ALA B 120 18.96 11.85 -3.61
C ALA B 120 19.68 10.66 -2.98
N ASN B 121 19.51 10.44 -1.67
CA ASN B 121 20.12 9.27 -1.04
C ASN B 121 19.66 7.97 -1.72
N ILE B 122 18.33 7.83 -1.88
CA ILE B 122 17.76 6.58 -2.41
C ILE B 122 18.23 6.33 -3.83
N ALA B 123 18.32 7.38 -4.63
CA ALA B 123 18.71 7.17 -6.03
C ALA B 123 20.17 6.77 -6.15
N ALA B 124 21.01 7.44 -5.35
CA ALA B 124 22.43 7.08 -5.19
C ALA B 124 22.53 5.62 -4.77
N ASP B 125 21.97 5.31 -3.60
CA ASP B 125 21.94 3.95 -3.09
C ASP B 125 21.41 2.94 -4.06
N LEU B 126 20.39 3.32 -4.84
CA LEU B 126 19.87 2.34 -5.80
C LEU B 126 20.51 2.37 -7.19
N ASP B 127 21.46 3.29 -7.42
CA ASP B 127 22.00 3.56 -8.78
C ASP B 127 20.92 3.83 -9.84
N LEU B 128 20.02 4.74 -9.50
CA LEU B 128 18.93 5.04 -10.44
C LEU B 128 18.99 6.48 -10.90
N PRO B 129 18.46 6.78 -12.10
CA PRO B 129 18.21 8.18 -12.40
C PRO B 129 17.27 8.76 -11.34
N LEU B 130 17.45 10.03 -10.98
CA LEU B 130 16.62 10.68 -9.96
C LEU B 130 15.13 10.67 -10.32
N ASP B 131 14.81 10.67 -11.61
CA ASP B 131 13.41 10.78 -12.00
C ASP B 131 12.68 9.43 -11.88
N ARG B 132 13.38 8.46 -11.30
CA ARG B 132 12.77 7.17 -11.04
C ARG B 132 12.54 6.91 -9.55
N VAL B 133 12.72 7.92 -8.71
CA VAL B 133 12.49 7.75 -7.28
C VAL B 133 11.59 8.83 -6.76
N ASN B 134 10.57 8.43 -6.03
CA ASN B 134 9.66 9.43 -5.50
C ASN B 134 9.40 9.18 -4.06
N VAL B 135 9.20 10.27 -3.32
CA VAL B 135 8.90 10.17 -1.93
C VAL B 135 7.76 11.11 -1.61
N LYS B 136 6.70 10.60 -0.99
CA LYS B 136 5.57 11.47 -0.68
C LYS B 136 5.45 11.53 0.85
N ALA B 137 4.70 12.51 1.37
CA ALA B 137 4.53 12.66 2.81
C ALA B 137 3.10 13.01 3.18
N LYS B 138 2.56 12.37 4.23
CA LYS B 138 1.18 12.58 4.68
C LYS B 138 1.14 12.70 6.19
N THR B 139 0.19 13.46 6.72
CA THR B 139 -0.17 13.38 8.11
C THR B 139 -1.21 12.26 8.24
N ASN B 140 -1.58 11.93 9.47
CA ASN B 140 -2.67 11.00 9.65
C ASN B 140 -3.89 11.72 10.20
N GLU B 141 -3.97 13.02 9.93
CA GLU B 141 -5.15 13.81 10.31
C GLU B 141 -5.56 13.62 11.78
N LYS B 142 -4.55 13.52 12.65
CA LYS B 142 -4.69 13.39 14.10
C LYS B 142 -5.44 12.14 14.55
N LEU B 143 -5.43 11.12 13.70
CA LEU B 143 -6.08 9.85 14.00
C LEU B 143 -5.05 8.81 14.36
N GLY B 144 -5.33 8.05 15.42
CA GLY B 144 -4.54 6.89 15.79
C GLY B 144 -3.16 7.24 16.33
N TYR B 145 -2.39 6.19 16.61
CA TYR B 145 -1.06 6.36 17.16
C TYR B 145 -0.19 7.29 16.28
N LEU B 146 -0.36 7.20 14.97
CA LEU B 146 0.40 8.03 14.02
C LEU B 146 0.00 9.48 14.14
N GLY B 147 -1.31 9.71 14.18
CA GLY B 147 -1.88 11.04 14.35
C GLY B 147 -1.61 11.68 15.71
N ARG B 148 -1.22 10.86 16.69
CA ARG B 148 -0.88 11.37 17.99
C ARG B 148 0.62 11.52 18.11
N GLY B 149 1.34 11.18 17.04
CA GLY B 149 2.79 11.29 17.04
C GLY B 149 3.53 10.17 17.79
N GLU B 150 2.88 9.02 17.99
CA GLU B 150 3.51 7.92 18.77
C GLU B 150 4.46 7.07 17.91
N GLY B 151 4.35 7.23 16.59
CA GLY B 151 5.27 6.59 15.67
C GLY B 151 5.10 7.16 14.27
N ILE B 152 5.81 6.57 13.34
CA ILE B 152 5.80 7.06 11.98
C ILE B 152 5.81 5.84 11.09
N GLU B 153 5.02 5.87 10.02
CA GLU B 153 4.88 4.75 9.08
C GLU B 153 5.51 5.11 7.73
N ALA B 154 6.05 4.12 7.03
CA ALA B 154 6.38 4.22 5.60
C ALA B 154 5.77 3.11 4.73
N GLN B 155 5.44 3.48 3.50
CA GLN B 155 4.92 2.58 2.49
C GLN B 155 5.74 2.73 1.23
N ALA B 156 5.99 1.63 0.53
CA ALA B 156 6.78 1.66 -0.66
C ALA B 156 6.29 0.66 -1.73
N ALA B 157 6.50 1.03 -2.99
CA ALA B 157 6.19 0.19 -4.12
C ALA B 157 7.40 0.16 -5.05
N ALA B 158 7.67 -0.98 -5.68
CA ALA B 158 8.77 -1.05 -6.63
C ALA B 158 8.44 -1.88 -7.87
N LEU B 159 8.74 -1.33 -9.04
CA LEU B 159 8.73 -2.10 -10.27
C LEU B 159 10.15 -2.51 -10.66
N VAL B 160 10.31 -3.77 -11.05
CA VAL B 160 11.57 -4.33 -11.53
C VAL B 160 11.35 -5.15 -12.79
N VAL B 161 12.43 -5.46 -13.48
CA VAL B 161 12.36 -6.25 -14.71
C VAL B 161 13.54 -7.23 -14.76
N ARG B 162 13.30 -8.44 -15.28
CA ARG B 162 14.34 -9.49 -15.45
C ARG B 162 14.80 -9.62 -16.89
N MET C 5 2.56 -4.45 -24.61
CA MET C 5 1.94 -5.50 -23.73
C MET C 5 1.18 -4.84 -22.56
N ASP C 6 0.07 -5.46 -22.20
CA ASP C 6 -0.95 -4.78 -21.43
C ASP C 6 -0.92 -5.14 -19.94
N PHE C 7 0.02 -4.54 -19.24
CA PHE C 7 0.21 -4.80 -17.82
C PHE C 7 -0.83 -4.04 -16.98
N ARG C 8 -1.14 -4.58 -15.80
CA ARG C 8 -2.03 -3.95 -14.86
C ARG C 8 -1.49 -4.30 -13.50
N ILE C 9 -1.56 -3.35 -12.55
CA ILE C 9 -1.35 -3.69 -11.13
C ILE C 9 -2.64 -3.64 -10.32
N GLY C 10 -2.64 -4.37 -9.21
CA GLY C 10 -3.74 -4.38 -8.23
C GLY C 10 -3.10 -4.34 -6.86
N GLN C 11 -3.86 -3.87 -5.87
CA GLN C 11 -3.37 -3.84 -4.49
C GLN C 11 -4.48 -4.30 -3.57
N GLY C 12 -4.16 -5.07 -2.54
CA GLY C 12 -5.19 -5.58 -1.65
C GLY C 12 -4.91 -5.30 -0.20
N TYR C 13 -5.96 -5.21 0.58
CA TYR C 13 -5.84 -4.98 2.01
C TYR C 13 -6.80 -5.87 2.72
N ASP C 14 -6.36 -6.44 3.82
CA ASP C 14 -7.30 -7.16 4.68
C ASP C 14 -6.91 -7.07 6.13
N VAL C 15 -7.90 -7.18 7.02
CA VAL C 15 -7.59 -7.32 8.47
C VAL C 15 -8.68 -8.12 9.16
N HIS C 16 -8.31 -8.96 10.14
CA HIS C 16 -9.30 -9.73 10.90
C HIS C 16 -8.91 -9.72 12.38
N GLN C 17 -9.92 -9.82 13.24
CA GLN C 17 -9.70 -9.86 14.68
C GLN C 17 -9.08 -11.19 15.14
N LEU C 18 -8.23 -11.13 16.17
CA LEU C 18 -7.78 -12.32 16.89
C LEU C 18 -8.71 -12.72 18.05
N VAL C 19 -9.41 -13.85 17.89
CA VAL C 19 -10.37 -14.34 18.89
C VAL C 19 -10.00 -15.72 19.47
N PRO C 20 -10.52 -16.05 20.67
CA PRO C 20 -10.31 -17.35 21.33
C PRO C 20 -10.96 -18.51 20.59
N GLY C 21 -10.32 -19.67 20.64
CA GLY C 21 -10.95 -20.91 20.19
C GLY C 21 -11.25 -20.91 18.72
N ARG C 22 -10.43 -20.16 17.98
CA ARG C 22 -10.42 -20.24 16.53
C ARG C 22 -9.05 -20.75 16.13
N PRO C 23 -8.97 -21.52 15.05
CA PRO C 23 -7.62 -21.83 14.57
C PRO C 23 -7.00 -20.66 13.73
N LEU C 24 -5.69 -20.47 13.86
CA LEU C 24 -4.97 -19.44 13.12
C LEU C 24 -4.46 -19.96 11.77
N ILE C 25 -5.15 -19.55 10.69
CA ILE C 25 -4.82 -19.98 9.35
C ILE C 25 -4.43 -18.78 8.49
N ILE C 26 -3.16 -18.74 8.11
CA ILE C 26 -2.61 -17.68 7.30
C ILE C 26 -1.85 -18.30 6.12
N GLY C 27 -2.15 -17.85 4.91
CA GLY C 27 -1.58 -18.43 3.70
C GLY C 27 -1.82 -19.93 3.58
N GLY C 28 -2.97 -20.39 4.09
CA GLY C 28 -3.31 -21.80 4.05
C GLY C 28 -2.66 -22.62 5.16
N VAL C 29 -1.72 -22.00 5.87
CA VAL C 29 -0.99 -22.65 6.95
C VAL C 29 -1.64 -22.41 8.31
N THR C 30 -2.05 -23.52 8.91
CA THR C 30 -2.47 -23.62 10.29
C THR C 30 -1.26 -23.45 11.21
N ILE C 31 -1.36 -22.50 12.12
CA ILE C 31 -0.28 -22.20 13.02
C ILE C 31 -0.85 -22.38 14.42
N PRO C 32 -0.08 -23.07 15.31
CA PRO C 32 -0.45 -23.22 16.72
C PRO C 32 -0.44 -21.89 17.43
N TYR C 33 -1.59 -21.53 18.00
CA TYR C 33 -1.72 -20.24 18.69
C TYR C 33 -2.96 -20.26 19.56
N GLU C 34 -2.93 -19.58 20.70
CA GLU C 34 -4.09 -19.52 21.63
C GLU C 34 -5.36 -18.97 20.97
N ARG C 35 -5.16 -18.11 19.97
CA ARG C 35 -6.24 -17.48 19.25
C ARG C 35 -6.13 -17.68 17.74
N GLY C 36 -7.19 -17.32 17.03
CA GLY C 36 -7.24 -17.38 15.56
C GLY C 36 -8.08 -16.25 14.98
N LEU C 37 -8.22 -16.24 13.66
CA LEU C 37 -8.87 -15.12 12.99
C LEU C 37 -10.38 -15.29 12.87
N LEU C 38 -11.11 -14.25 13.27
CA LEU C 38 -12.54 -14.25 13.17
C LEU C 38 -12.96 -13.70 11.82
N GLY C 39 -13.80 -14.48 11.14
CA GLY C 39 -14.39 -14.05 9.89
C GLY C 39 -15.50 -15.02 9.56
N HIS C 40 -16.27 -14.70 8.52
CA HIS C 40 -17.39 -15.52 8.11
C HIS C 40 -16.91 -16.85 7.45
N SER C 41 -15.73 -16.80 6.78
CA SER C 41 -15.04 -18.01 6.24
C SER C 41 -13.95 -18.41 7.24
N ASP C 42 -12.91 -19.13 6.80
CA ASP C 42 -11.74 -19.42 7.65
C ASP C 42 -10.87 -18.17 7.98
N ALA C 43 -11.33 -17.01 7.53
CA ALA C 43 -10.69 -15.73 7.80
C ALA C 43 -9.19 -15.63 7.45
N ASP C 44 -8.76 -16.36 6.42
CA ASP C 44 -7.36 -16.29 5.96
C ASP C 44 -7.03 -14.89 5.38
N VAL C 45 -6.51 -14.02 6.25
CA VAL C 45 -6.25 -12.59 5.95
C VAL C 45 -5.24 -12.39 4.80
N LEU C 46 -4.20 -13.21 4.77
CA LEU C 46 -3.24 -13.13 3.67
C LEU C 46 -3.87 -13.44 2.30
N LEU C 47 -4.60 -14.53 2.24
CA LEU C 47 -5.21 -14.98 0.99
C LEU C 47 -6.28 -14.02 0.52
N HIS C 48 -6.98 -13.40 1.47
CA HIS C 48 -8.01 -12.38 1.12
C HIS C 48 -7.41 -11.15 0.43
N ALA C 49 -6.28 -10.71 0.94
CA ALA C 49 -5.61 -9.50 0.45
C ALA C 49 -5.08 -9.76 -0.95
N ILE C 50 -4.56 -10.95 -1.15
CA ILE C 50 -4.06 -11.36 -2.47
C ILE C 50 -5.20 -11.48 -3.44
N THR C 51 -6.31 -12.08 -2.99
CA THR C 51 -7.49 -12.20 -3.79
C THR C 51 -7.92 -10.81 -4.30
N ASP C 52 -8.11 -9.88 -3.36
CA ASP C 52 -8.46 -8.49 -3.69
C ASP C 52 -7.45 -7.85 -4.66
N ALA C 53 -6.16 -8.00 -4.37
CA ALA C 53 -5.14 -7.48 -5.27
C ALA C 53 -5.31 -8.02 -6.69
N LEU C 54 -5.66 -9.32 -6.81
CA LEU C 54 -5.83 -9.96 -8.12
C LEU C 54 -7.10 -9.47 -8.81
N PHE C 55 -8.18 -9.39 -8.04
CA PHE C 55 -9.43 -8.83 -8.56
C PHE C 55 -9.21 -7.39 -9.00
N GLY C 56 -8.40 -6.63 -8.24
CA GLY C 56 -8.13 -5.22 -8.59
C GLY C 56 -7.37 -5.01 -9.88
N ALA C 57 -6.34 -5.81 -10.05
CA ALA C 57 -5.53 -5.81 -11.27
C ALA C 57 -6.36 -6.10 -12.53
N ALA C 58 -7.23 -7.11 -12.45
CA ALA C 58 -8.14 -7.42 -13.56
C ALA C 58 -9.38 -6.52 -13.62
N ALA C 59 -9.45 -5.50 -12.78
CA ALA C 59 -10.64 -4.63 -12.71
C ALA C 59 -11.91 -5.41 -12.65
N LEU C 60 -11.90 -6.48 -11.86
CA LEU C 60 -13.09 -7.28 -11.61
C LEU C 60 -13.84 -6.97 -10.31
N GLY C 61 -13.50 -5.87 -9.63
CA GLY C 61 -14.20 -5.49 -8.38
C GLY C 61 -13.45 -5.93 -7.13
N ASP C 62 -14.11 -6.69 -6.27
CA ASP C 62 -13.48 -7.18 -5.06
C ASP C 62 -14.12 -8.44 -4.52
N ILE C 63 -13.53 -8.89 -3.42
CA ILE C 63 -13.94 -10.06 -2.69
C ILE C 63 -15.46 -10.03 -2.30
N GLY C 64 -15.96 -8.88 -1.82
CA GLY C 64 -17.38 -8.71 -1.45
C GLY C 64 -18.39 -8.85 -2.59
N ARG C 65 -17.98 -8.42 -3.77
CA ARG C 65 -18.77 -8.48 -4.99
C ARG C 65 -18.89 -9.91 -5.59
N HIS C 66 -17.88 -10.76 -5.34
CA HIS C 66 -17.79 -12.09 -5.95
C HIS C 66 -18.24 -13.21 -5.01
N PHE C 67 -18.02 -13.01 -3.71
CA PHE C 67 -18.28 -14.05 -2.74
C PHE C 67 -19.11 -13.52 -1.54
N ASP C 78 -13.58 -22.55 2.18
CA ASP C 78 -12.24 -22.13 2.64
C ASP C 78 -11.58 -21.13 1.69
N SER C 79 -10.56 -20.39 2.15
CA SER C 79 -10.00 -19.29 1.35
C SER C 79 -9.11 -19.73 0.19
N ARG C 80 -8.66 -20.98 0.22
CA ARG C 80 -7.82 -21.48 -0.87
C ARG C 80 -8.71 -21.80 -2.08
N ALA C 81 -9.90 -22.31 -1.79
CA ALA C 81 -10.85 -22.56 -2.85
C ALA C 81 -11.23 -21.20 -3.46
N LEU C 82 -11.47 -20.20 -2.60
CA LEU C 82 -11.76 -18.84 -3.05
C LEU C 82 -10.62 -18.18 -3.86
N LEU C 83 -9.39 -18.38 -3.41
CA LEU C 83 -8.22 -17.90 -4.17
C LEU C 83 -8.18 -18.58 -5.54
N ARG C 84 -8.45 -19.89 -5.57
CA ARG C 84 -8.49 -20.63 -6.85
C ARG C 84 -9.55 -20.13 -7.82
N GLU C 85 -10.72 -19.84 -7.30
CA GLU C 85 -11.84 -19.26 -8.06
C GLU C 85 -11.46 -17.88 -8.63
N CYS C 86 -10.86 -17.05 -7.78
CA CYS C 86 -10.35 -15.73 -8.17
C CYS C 86 -9.42 -15.89 -9.39
N ALA C 87 -8.43 -16.78 -9.25
CA ALA C 87 -7.49 -17.06 -10.36
C ALA C 87 -8.22 -17.49 -11.65
N SER C 88 -9.29 -18.28 -11.48
CA SER C 88 -10.10 -18.72 -12.60
C SER C 88 -10.83 -17.54 -13.26
N ARG C 89 -11.37 -16.65 -12.43
CA ARG C 89 -12.10 -15.50 -12.96
C ARG C 89 -11.16 -14.49 -13.59
N VAL C 90 -9.94 -14.42 -13.11
CA VAL C 90 -8.93 -13.55 -13.68
C VAL C 90 -8.56 -14.04 -15.10
N ALA C 91 -8.38 -15.35 -15.27
CA ALA C 91 -8.11 -15.94 -16.59
C ALA C 91 -9.30 -15.80 -17.50
N GLN C 92 -10.50 -15.98 -16.93
CA GLN C 92 -11.77 -15.76 -17.66
C GLN C 92 -11.76 -14.38 -18.32
N ALA C 93 -11.27 -13.39 -17.59
CA ALA C 93 -11.24 -12.01 -18.06
C ALA C 93 -10.14 -11.78 -19.09
N GLY C 94 -9.24 -12.75 -19.23
CA GLY C 94 -8.23 -12.67 -20.27
C GLY C 94 -6.86 -12.27 -19.75
N PHE C 95 -6.66 -12.34 -18.42
CA PHE C 95 -5.38 -11.96 -17.79
C PHE C 95 -4.54 -13.15 -17.34
N ALA C 96 -3.23 -12.97 -17.35
CA ALA C 96 -2.33 -13.97 -16.81
C ALA C 96 -1.62 -13.30 -15.67
N ILE C 97 -1.36 -14.06 -14.60
CA ILE C 97 -0.70 -13.48 -13.42
C ILE C 97 0.83 -13.49 -13.52
N ARG C 98 1.49 -12.35 -13.34
CA ARG C 98 2.92 -12.30 -13.44
C ARG C 98 3.60 -12.50 -12.10
N ASN C 99 3.14 -11.79 -11.07
CA ASN C 99 3.74 -11.96 -9.75
C ASN C 99 2.85 -11.43 -8.66
N VAL C 100 3.09 -11.94 -7.46
CA VAL C 100 2.36 -11.52 -6.26
C VAL C 100 3.40 -11.27 -5.19
N ASP C 101 3.27 -10.15 -4.49
CA ASP C 101 4.06 -9.89 -3.31
C ASP C 101 3.09 -9.45 -2.25
N SER C 102 3.50 -9.55 -0.98
CA SER C 102 2.64 -9.33 0.17
C SER C 102 3.40 -9.18 1.47
N THR C 103 2.69 -8.70 2.49
CA THR C 103 3.19 -8.52 3.84
C THR C 103 2.10 -8.92 4.83
N ILE C 104 2.49 -9.70 5.86
CA ILE C 104 1.58 -10.01 6.98
C ILE C 104 2.04 -9.15 8.17
N ILE C 105 1.13 -8.46 8.84
CA ILE C 105 1.52 -7.67 10.01
C ILE C 105 0.91 -8.32 11.21
N ALA C 106 1.80 -8.86 12.05
CA ALA C 106 1.41 -9.64 13.23
C ALA C 106 2.48 -9.53 14.30
N GLN C 107 2.05 -9.04 15.47
CA GLN C 107 2.91 -8.97 16.63
C GLN C 107 3.31 -10.38 17.05
N ALA C 108 2.34 -11.28 17.15
CA ALA C 108 2.62 -12.69 17.46
C ALA C 108 1.59 -13.58 16.77
N PRO C 109 1.94 -14.85 16.50
CA PRO C 109 3.19 -15.52 16.85
C PRO C 109 4.20 -15.41 15.74
N LYS C 110 5.34 -15.99 15.92
CA LYS C 110 6.34 -15.96 14.91
C LYS C 110 5.87 -16.61 13.59
N LEU C 111 6.12 -15.92 12.50
CA LEU C 111 5.69 -16.35 11.21
C LEU C 111 6.81 -16.88 10.37
N ALA C 112 8.02 -16.46 10.68
CA ALA C 112 9.17 -16.85 9.89
C ALA C 112 9.16 -18.27 9.40
N PRO C 113 8.91 -19.21 10.28
CA PRO C 113 8.98 -20.61 9.90
C PRO C 113 7.86 -21.09 8.99
N HIS C 114 6.81 -20.33 8.80
CA HIS C 114 5.73 -20.82 8.00
C HIS C 114 5.65 -20.24 6.62
N ILE C 115 6.60 -19.41 6.26
CA ILE C 115 6.48 -18.62 5.09
C ILE C 115 6.65 -19.34 3.77
N ASP C 116 7.59 -20.25 3.72
CA ASP C 116 7.87 -20.97 2.52
C ASP C 116 6.67 -21.80 2.20
N ALA C 117 6.03 -22.35 3.22
CA ALA C 117 4.80 -23.13 3.09
C ALA C 117 3.63 -22.30 2.51
N MET C 118 3.35 -21.15 3.12
CA MET C 118 2.40 -20.15 2.59
C MET C 118 2.65 -19.85 1.10
N ARG C 119 3.90 -19.57 0.79
CA ARG C 119 4.31 -19.27 -0.57
C ARG C 119 4.06 -20.46 -1.50
N ALA C 120 4.29 -21.66 -0.98
CA ALA C 120 4.06 -22.88 -1.75
C ALA C 120 2.56 -23.07 -1.94
N ASN C 121 1.78 -22.82 -0.89
CA ASN C 121 0.33 -22.84 -1.02
C ASN C 121 -0.19 -21.88 -2.09
N ILE C 122 0.29 -20.64 -2.04
CA ILE C 122 -0.11 -19.58 -2.96
C ILE C 122 0.29 -19.91 -4.42
N ALA C 123 1.54 -20.29 -4.62
CA ALA C 123 2.01 -20.66 -5.95
C ALA C 123 1.21 -21.85 -6.50
N ALA C 124 0.79 -22.77 -5.65
CA ALA C 124 0.01 -23.88 -6.14
C ALA C 124 -1.37 -23.40 -6.57
N ASP C 125 -2.06 -22.71 -5.67
CA ASP C 125 -3.41 -22.24 -5.94
C ASP C 125 -3.51 -21.34 -7.19
N LEU C 126 -2.43 -20.61 -7.49
CA LEU C 126 -2.38 -19.65 -8.61
C LEU C 126 -1.72 -20.20 -9.89
N ASP C 127 -1.28 -21.46 -9.83
CA ASP C 127 -0.54 -22.10 -10.93
C ASP C 127 0.67 -21.26 -11.34
N LEU C 128 1.46 -20.87 -10.34
CA LEU C 128 2.66 -20.07 -10.56
C LEU C 128 3.88 -20.79 -10.02
N PRO C 129 5.05 -20.55 -10.66
CA PRO C 129 6.29 -21.04 -10.07
C PRO C 129 6.58 -20.25 -8.80
N LEU C 130 7.20 -20.91 -7.84
CA LEU C 130 7.58 -20.30 -6.59
C LEU C 130 8.27 -18.95 -6.70
N ASP C 131 9.05 -18.73 -7.75
CA ASP C 131 9.84 -17.50 -7.85
C ASP C 131 9.00 -16.27 -8.23
N ARG C 132 7.71 -16.47 -8.54
CA ARG C 132 6.79 -15.36 -8.82
C ARG C 132 5.85 -15.00 -7.63
N VAL C 133 6.14 -15.54 -6.44
CA VAL C 133 5.27 -15.37 -5.29
C VAL C 133 6.10 -15.05 -4.07
N ASN C 134 5.68 -14.04 -3.29
CA ASN C 134 6.43 -13.66 -2.13
C ASN C 134 5.53 -13.26 -0.99
N VAL C 135 5.98 -13.58 0.21
CA VAL C 135 5.24 -13.31 1.45
C VAL C 135 6.23 -12.75 2.48
N LYS C 136 5.96 -11.57 3.01
CA LYS C 136 6.90 -10.93 3.95
C LYS C 136 6.20 -10.80 5.29
N ALA C 137 6.94 -10.57 6.36
CA ALA C 137 6.33 -10.49 7.66
C ALA C 137 6.93 -9.41 8.53
N LYS C 138 6.03 -8.69 9.21
CA LYS C 138 6.40 -7.54 9.99
C LYS C 138 5.64 -7.62 11.30
N THR C 139 6.24 -7.10 12.37
CA THR C 139 5.49 -6.85 13.58
C THR C 139 4.94 -5.44 13.41
N ASN C 140 4.13 -4.99 14.38
CA ASN C 140 3.70 -3.60 14.42
C ASN C 140 4.42 -2.76 15.48
N GLU C 141 5.58 -3.23 15.98
CA GLU C 141 6.36 -2.47 16.95
C GLU C 141 5.48 -2.00 18.12
N LYS C 142 4.64 -2.93 18.56
CA LYS C 142 3.70 -2.75 19.66
C LYS C 142 2.70 -1.61 19.59
N LEU C 143 2.49 -1.08 18.38
CA LEU C 143 1.57 0.05 18.14
C LEU C 143 0.20 -0.37 17.70
N GLY C 144 -0.83 0.30 18.23
CA GLY C 144 -2.22 0.06 17.82
C GLY C 144 -2.76 -1.35 18.09
N TYR C 145 -3.97 -1.62 17.61
CA TYR C 145 -4.61 -2.90 17.80
C TYR C 145 -3.78 -4.06 17.24
N LEU C 146 -3.00 -3.83 16.19
CA LEU C 146 -2.10 -4.86 15.71
C LEU C 146 -1.00 -5.17 16.73
N GLY C 147 -0.44 -4.12 17.31
CA GLY C 147 0.73 -4.25 18.19
C GLY C 147 0.34 -4.86 19.52
N ARG C 148 -0.95 -4.73 19.86
CA ARG C 148 -1.58 -5.34 21.03
C ARG C 148 -2.07 -6.77 20.73
N GLY C 149 -1.93 -7.22 19.49
CA GLY C 149 -2.30 -8.59 19.11
C GLY C 149 -3.80 -8.78 19.12
N GLU C 150 -4.54 -7.73 18.70
CA GLU C 150 -5.99 -7.77 18.65
C GLU C 150 -6.49 -8.12 17.27
N GLY C 151 -5.63 -7.95 16.27
CA GLY C 151 -5.90 -8.43 14.92
C GLY C 151 -4.64 -8.71 14.12
N ILE C 152 -4.81 -9.08 12.86
CA ILE C 152 -3.65 -9.29 12.00
C ILE C 152 -4.05 -8.70 10.67
N GLU C 153 -3.12 -8.01 10.04
CA GLU C 153 -3.38 -7.33 8.80
C GLU C 153 -2.54 -8.00 7.72
N ALA C 154 -3.01 -7.98 6.47
CA ALA C 154 -2.17 -8.28 5.29
C ALA C 154 -2.28 -7.23 4.16
N GLN C 155 -1.20 -7.06 3.42
CA GLN C 155 -1.21 -6.18 2.26
C GLN C 155 -0.71 -6.99 1.10
N ALA C 156 -1.23 -6.71 -0.09
CA ALA C 156 -0.79 -7.43 -1.26
C ALA C 156 -0.69 -6.53 -2.47
N ALA C 157 0.23 -6.90 -3.35
CA ALA C 157 0.36 -6.30 -4.66
C ALA C 157 0.42 -7.44 -5.70
N ALA C 158 -0.28 -7.29 -6.82
CA ALA C 158 -0.24 -8.26 -7.93
C ALA C 158 0.02 -7.58 -9.27
N LEU C 159 0.84 -8.21 -10.13
CA LEU C 159 0.99 -7.78 -11.51
C LEU C 159 0.39 -8.80 -12.44
N VAL C 160 -0.47 -8.35 -13.36
CA VAL C 160 -1.03 -9.23 -14.39
C VAL C 160 -0.78 -8.62 -15.77
N VAL C 161 -1.04 -9.37 -16.83
CA VAL C 161 -0.98 -8.88 -18.21
C VAL C 161 -2.13 -9.49 -19.03
N ARG C 162 -2.73 -8.72 -19.94
CA ARG C 162 -3.94 -9.18 -20.67
C ARG C 162 -3.78 -10.25 -21.76
ZN ZN D . -7.13 14.05 1.40
N3 CYT E . -19.39 -0.56 2.52
C4 CYT E . -18.47 -0.38 3.48
N1 CYT E . -18.42 -2.67 2.05
C2 CYT E . -19.39 -1.70 1.77
O2 CYT E . -20.21 -1.93 0.86
N4 CYT E . -18.48 0.75 4.19
C5 CYT E . -17.49 -1.36 3.78
C6 CYT E . -17.50 -2.49 3.04
CL CL F . -15.24 -1.55 10.68
MG MG G . -2.43 0.98 7.86
N3 CYT H . 5.35 16.60 6.47
C4 CYT H . 4.52 15.85 7.25
N1 CYT H . 3.55 16.94 4.91
C2 CYT H . 4.88 17.17 5.31
O2 CYT H . 5.57 17.87 4.56
N4 CYT H . 4.98 15.30 8.40
C5 CYT H . 3.16 15.60 6.86
C6 CYT H . 2.73 16.16 5.70
ZN ZN I . 12.20 -0.61 10.30
N3 CYT J . 6.76 -13.22 12.87
C4 CYT J . 5.99 -12.16 13.09
N1 CYT J . 8.34 -11.79 11.76
C2 CYT J . 7.95 -13.07 12.20
O2 CYT J . 8.71 -14.04 11.96
N4 CYT J . 4.84 -12.33 13.74
C5 CYT J . 6.38 -10.85 12.64
C6 CYT J . 7.53 -10.71 11.99
ZN ZN K . -10.67 -11.33 5.05
#